data_4L7R
#
_entry.id   4L7R
#
_cell.length_a   55.324
_cell.length_b   56.456
_cell.length_c   56.475
_cell.angle_alpha   90.00
_cell.angle_beta   112.97
_cell.angle_gamma   90.00
#
_symmetry.space_group_name_H-M   'P 1 21 1'
#
loop_
_entity.id
_entity.type
_entity.pdbx_description
1 polymer 'Poly [ADP-ribose] polymerase 3'
2 non-polymer N-[(2S)-1-hydroxybutan-2-yl]-3-(4-oxo-3,4-dihydroquinazolin-2-yl)propanamide
3 water water
#
_entity_poly.entity_id   1
_entity_poly.type   'polypeptide(L)'
_entity_poly.pdbx_seq_one_letter_code
;SMKRVQPCSLDPATQKLITNIFSKEMFKNTMALMDLDVKKMPLGKLSKQQIARGFEALEALEEALKGPTDGGQSLEELSS
HFYTVIPHNFGHSQPPPINSPELLQAKKDMLLVLADIELAQALQAVSEQEKTVEEVPHPLDRDYQLLKCQLQLLDSGAPE
YKVIQTYLEQTGSNHRCPTLQHIWKVNQEGEEDRFQAHSKLGNRKLLWHGTNMAVVAAILTSGLRIMPHSGGRVGKGIYF
ASENSKSAGYVIGMKCGAHHVGYMFLGEVALGREHHINTDNPSLKSPPPGFDSVIARGHTEPDPTQDTELELDGQQVVVP
QGQPVPCPEFSSSTFSQSEYLIYQESQCRLRYLLEVH
;
_entity_poly.pdbx_strand_id   A
#
# COMPACT_ATOMS: atom_id res chain seq x y z
N MET A 2 -35.34 -8.49 -17.55
CA MET A 2 -33.95 -8.01 -17.70
C MET A 2 -33.77 -6.63 -17.03
N LYS A 3 -32.63 -6.43 -16.35
CA LYS A 3 -32.35 -5.19 -15.64
C LYS A 3 -31.69 -4.16 -16.54
N ARG A 4 -32.15 -2.91 -16.42
CA ARG A 4 -31.56 -1.77 -17.14
C ARG A 4 -30.22 -1.44 -16.57
N VAL A 5 -29.21 -1.31 -17.44
CA VAL A 5 -27.85 -0.91 -17.09
C VAL A 5 -27.84 0.62 -17.21
N GLN A 6 -27.59 1.33 -16.12
CA GLN A 6 -27.57 2.79 -16.13
C GLN A 6 -26.25 3.29 -16.74
N PRO A 7 -26.25 4.47 -17.43
CA PRO A 7 -25.01 4.97 -18.04
C PRO A 7 -23.94 5.29 -16.99
N CYS A 8 -22.65 5.16 -17.37
CA CYS A 8 -21.50 5.43 -16.48
C CYS A 8 -21.32 6.91 -16.27
N SER A 9 -21.22 7.33 -15.01
CA SER A 9 -21.08 8.74 -14.66
C SER A 9 -19.60 9.17 -14.61
N LEU A 10 -18.67 8.22 -14.70
CA LEU A 10 -17.25 8.51 -14.47
C LEU A 10 -16.55 9.07 -15.68
N ASP A 11 -15.57 9.96 -15.41
CA ASP A 11 -14.70 10.53 -16.42
C ASP A 11 -13.79 9.39 -16.99
N PRO A 12 -13.20 9.51 -18.21
CA PRO A 12 -12.43 8.38 -18.78
C PRO A 12 -11.25 7.90 -17.92
N ALA A 13 -10.55 8.83 -17.27
CA ALA A 13 -9.42 8.49 -16.41
C ALA A 13 -9.87 7.72 -15.18
N THR A 14 -11.01 8.08 -14.56
CA THR A 14 -11.49 7.38 -13.36
C THR A 14 -12.00 5.96 -13.76
N GLN A 15 -12.68 5.84 -14.90
CA GLN A 15 -13.14 4.56 -15.48
C GLN A 15 -11.96 3.60 -15.65
N LYS A 16 -10.88 4.09 -16.30
CA LYS A 16 -9.63 3.34 -16.53
C LYS A 16 -9.02 2.84 -15.19
N LEU A 17 -8.90 3.74 -14.21
CA LEU A 17 -8.42 3.43 -12.87
C LEU A 17 -9.29 2.33 -12.23
N ILE A 18 -10.63 2.51 -12.23
CA ILE A 18 -11.53 1.53 -11.61
C ILE A 18 -11.44 0.21 -12.36
N THR A 19 -11.33 0.26 -13.69
CA THR A 19 -11.13 -0.94 -14.51
C THR A 19 -9.87 -1.65 -14.08
N ASN A 20 -8.76 -0.90 -13.90
CA ASN A 20 -7.47 -1.46 -13.53
C ASN A 20 -7.44 -2.09 -12.15
N ILE A 21 -7.92 -1.41 -11.12
CA ILE A 21 -7.79 -1.88 -9.72
C ILE A 21 -8.83 -2.95 -9.32
N PHE A 22 -9.84 -3.23 -10.18
CA PHE A 22 -10.82 -4.30 -9.95
C PHE A 22 -10.69 -5.46 -10.96
N SER A 23 -9.71 -5.35 -11.88
CA SER A 23 -9.44 -6.31 -12.95
C SER A 23 -9.08 -7.68 -12.42
N LYS A 24 -9.81 -8.70 -12.87
CA LYS A 24 -9.62 -10.11 -12.53
C LYS A 24 -8.24 -10.62 -13.01
N GLU A 25 -7.84 -10.20 -14.22
CA GLU A 25 -6.56 -10.53 -14.84
CA GLU A 25 -6.56 -10.47 -14.88
C GLU A 25 -5.40 -9.88 -14.05
N MET A 26 -5.57 -8.64 -13.59
CA MET A 26 -4.55 -7.96 -12.77
C MET A 26 -4.34 -8.75 -11.46
N PHE A 27 -5.44 -9.23 -10.81
CA PHE A 27 -5.38 -9.97 -9.55
C PHE A 27 -4.69 -11.33 -9.73
N LYS A 28 -5.02 -12.04 -10.83
CA LYS A 28 -4.42 -13.32 -11.21
C LYS A 28 -2.95 -13.11 -11.56
N ASN A 29 -2.63 -12.02 -12.31
CA ASN A 29 -1.26 -11.65 -12.68
C ASN A 29 -0.41 -11.49 -11.43
N THR A 30 -0.94 -10.80 -10.41
CA THR A 30 -0.26 -10.56 -9.13
C THR A 30 0.02 -11.89 -8.42
N MET A 31 -0.95 -12.80 -8.45
CA MET A 31 -0.82 -14.13 -7.84
C MET A 31 0.24 -14.93 -8.56
N ALA A 32 0.27 -14.82 -9.91
CA ALA A 32 1.25 -15.50 -10.76
C ALA A 32 2.66 -14.97 -10.45
N LEU A 33 2.78 -13.63 -10.27
CA LEU A 33 4.03 -12.94 -9.93
C LEU A 33 4.55 -13.29 -8.54
N MET A 34 3.67 -13.79 -7.64
CA MET A 34 4.03 -14.20 -6.29
C MET A 34 4.18 -15.72 -6.23
N ASP A 35 4.30 -16.37 -7.42
CA ASP A 35 4.41 -17.82 -7.68
C ASP A 35 3.28 -18.63 -7.06
N LEU A 36 2.08 -18.06 -7.03
CA LEU A 36 0.93 -18.81 -6.53
C LEU A 36 0.30 -19.63 -7.64
N ASP A 37 -0.23 -20.81 -7.30
CA ASP A 37 -0.89 -21.66 -8.28
C ASP A 37 -2.36 -21.19 -8.46
N VAL A 38 -2.60 -20.34 -9.48
CA VAL A 38 -3.92 -19.74 -9.79
C VAL A 38 -4.93 -20.83 -10.19
N LYS A 39 -4.49 -21.95 -10.75
CA LYS A 39 -5.40 -23.03 -11.14
C LYS A 39 -5.91 -23.77 -9.89
N LYS A 40 -5.02 -24.03 -8.92
CA LYS A 40 -5.36 -24.68 -7.65
C LYS A 40 -6.02 -23.70 -6.66
N MET A 41 -5.80 -22.38 -6.87
CA MET A 41 -6.35 -21.28 -6.07
C MET A 41 -7.05 -20.23 -6.96
N PRO A 42 -8.25 -20.51 -7.54
CA PRO A 42 -8.90 -19.47 -8.37
C PRO A 42 -9.37 -18.30 -7.51
N LEU A 43 -9.52 -17.11 -8.13
CA LEU A 43 -9.95 -15.88 -7.46
C LEU A 43 -11.21 -16.06 -6.62
N GLY A 44 -12.21 -16.75 -7.19
CA GLY A 44 -13.48 -17.03 -6.55
C GLY A 44 -13.43 -18.04 -5.41
N LYS A 45 -12.38 -18.91 -5.37
CA LYS A 45 -12.20 -19.93 -4.32
C LYS A 45 -11.44 -19.35 -3.12
N LEU A 46 -10.62 -18.30 -3.38
CA LEU A 46 -9.89 -17.59 -2.33
C LEU A 46 -10.82 -17.27 -1.17
N SER A 47 -10.45 -17.60 0.07
CA SER A 47 -11.33 -17.32 1.20
C SER A 47 -10.57 -16.77 2.45
N LYS A 48 -11.30 -16.19 3.39
CA LYS A 48 -10.74 -15.68 4.65
C LYS A 48 -10.22 -16.87 5.51
N GLN A 49 -10.94 -18.03 5.51
CA GLN A 49 -10.55 -19.25 6.23
C GLN A 49 -9.21 -19.78 5.74
N GLN A 50 -9.01 -19.77 4.41
CA GLN A 50 -7.76 -20.25 3.80
C GLN A 50 -6.57 -19.37 4.22
N ILE A 51 -6.75 -18.04 4.15
CA ILE A 51 -5.72 -17.05 4.51
C ILE A 51 -5.37 -17.22 6.00
N ALA A 52 -6.36 -17.35 6.88
CA ALA A 52 -6.18 -17.59 8.32
C ALA A 52 -5.34 -18.86 8.54
N ARG A 53 -5.71 -19.97 7.85
CA ARG A 53 -5.01 -21.25 7.92
C ARG A 53 -3.55 -21.08 7.43
N GLY A 54 -3.36 -20.22 6.43
CA GLY A 54 -2.06 -19.84 5.88
C GLY A 54 -1.20 -19.15 6.92
N PHE A 55 -1.76 -18.14 7.65
CA PHE A 55 -1.02 -17.46 8.71
C PHE A 55 -0.77 -18.41 9.90
N GLU A 56 -1.69 -19.37 10.18
CA GLU A 56 -1.48 -20.34 11.29
C GLU A 56 -0.26 -21.20 11.00
N ALA A 57 -0.12 -21.66 9.74
CA ALA A 57 1.02 -22.48 9.28
C ALA A 57 2.32 -21.69 9.35
N LEU A 58 2.26 -20.38 9.07
CA LEU A 58 3.45 -19.55 9.12
C LEU A 58 3.88 -19.29 10.57
N GLU A 59 2.91 -19.19 11.51
CA GLU A 59 3.20 -18.98 12.93
C GLU A 59 3.88 -20.22 13.51
N ALA A 60 3.47 -21.45 13.07
CA ALA A 60 4.11 -22.70 13.53
C ALA A 60 5.58 -22.73 13.10
N LEU A 61 5.84 -22.25 11.87
CA LEU A 61 7.17 -22.16 11.29
C LEU A 61 7.99 -21.15 12.05
N GLU A 62 7.35 -20.03 12.48
CA GLU A 62 8.00 -18.99 13.28
C GLU A 62 8.43 -19.55 14.64
N GLU A 63 7.61 -20.44 15.28
CA GLU A 63 7.92 -21.02 16.59
C GLU A 63 9.10 -21.98 16.48
N ALA A 64 9.16 -22.74 15.37
CA ALA A 64 10.25 -23.67 15.09
C ALA A 64 11.54 -22.90 14.83
N LEU A 65 11.43 -21.70 14.23
CA LEU A 65 12.56 -20.80 13.95
C LEU A 65 13.00 -20.01 15.21
N LYS A 66 12.32 -20.19 16.36
CA LYS A 66 12.65 -19.50 17.61
C LYS A 66 12.92 -20.51 18.72
N ASP A 70 13.21 -28.76 20.46
CA ASP A 70 11.91 -28.98 21.09
C ASP A 70 11.36 -30.38 20.79
N GLY A 71 11.74 -30.95 19.65
CA GLY A 71 11.26 -32.25 19.19
C GLY A 71 10.01 -32.12 18.32
N GLY A 72 9.64 -30.89 18.00
CA GLY A 72 8.52 -30.60 17.11
C GLY A 72 8.90 -30.91 15.68
N GLN A 73 7.93 -30.82 14.77
CA GLN A 73 8.12 -31.09 13.33
C GLN A 73 9.27 -30.26 12.74
N SER A 74 9.92 -30.79 11.70
CA SER A 74 11.01 -30.09 11.03
C SER A 74 10.50 -28.87 10.25
N LEU A 75 11.40 -27.95 9.91
CA LEU A 75 11.06 -26.76 9.13
C LEU A 75 10.49 -27.15 7.77
N GLU A 76 10.99 -28.24 7.17
CA GLU A 76 10.51 -28.77 5.90
C GLU A 76 9.13 -29.43 6.06
N GLU A 77 8.86 -30.02 7.23
CA GLU A 77 7.56 -30.64 7.51
C GLU A 77 6.51 -29.55 7.69
N LEU A 78 6.88 -28.47 8.39
CA LEU A 78 6.00 -27.36 8.63
C LEU A 78 5.82 -26.52 7.34
N SER A 79 6.88 -26.40 6.47
CA SER A 79 6.82 -25.68 5.17
C SER A 79 5.84 -26.37 4.26
N SER A 80 5.94 -27.71 4.18
CA SER A 80 5.07 -28.57 3.38
C SER A 80 3.59 -28.39 3.75
N HIS A 81 3.28 -28.22 5.05
CA HIS A 81 1.88 -27.96 5.44
C HIS A 81 1.42 -26.55 4.94
N PHE A 82 2.32 -25.53 4.94
CA PHE A 82 1.97 -24.19 4.45
C PHE A 82 1.61 -24.24 2.93
N TYR A 83 2.43 -24.94 2.13
CA TYR A 83 2.24 -25.11 0.69
C TYR A 83 0.98 -25.93 0.36
N THR A 84 0.53 -26.80 1.29
CA THR A 84 -0.72 -27.55 1.10
C THR A 84 -1.91 -26.55 1.23
N VAL A 85 -1.78 -25.61 2.17
CA VAL A 85 -2.80 -24.61 2.46
C VAL A 85 -2.79 -23.52 1.35
N ILE A 86 -1.59 -23.04 0.99
CA ILE A 86 -1.43 -22.00 -0.04
C ILE A 86 -0.66 -22.61 -1.19
N PRO A 87 -1.36 -23.19 -2.20
CA PRO A 87 -0.66 -23.87 -3.30
C PRO A 87 0.20 -22.91 -4.13
N HIS A 88 1.47 -23.29 -4.31
CA HIS A 88 2.45 -22.53 -5.09
C HIS A 88 2.76 -23.24 -6.37
N ASN A 89 3.30 -22.49 -7.32
CA ASN A 89 3.67 -23.06 -8.59
C ASN A 89 5.09 -22.66 -9.00
N PHE A 90 6.02 -23.57 -8.73
CA PHE A 90 7.42 -23.45 -9.12
C PHE A 90 7.67 -24.49 -10.21
N GLY A 91 6.96 -24.35 -11.34
CA GLY A 91 7.00 -25.30 -12.47
C GLY A 91 6.73 -26.75 -12.07
N HIS A 92 5.80 -26.94 -11.13
CA HIS A 92 5.36 -28.21 -10.54
C HIS A 92 6.52 -29.04 -9.95
N SER A 93 7.50 -28.34 -9.31
CA SER A 93 8.65 -28.92 -8.60
C SER A 93 8.39 -28.78 -7.10
N GLN A 94 9.26 -29.37 -6.26
CA GLN A 94 9.11 -29.29 -4.80
C GLN A 94 9.33 -27.84 -4.32
N PRO A 95 8.31 -27.22 -3.65
CA PRO A 95 8.47 -25.85 -3.16
C PRO A 95 9.61 -25.74 -2.12
N PRO A 96 10.24 -24.56 -1.91
CA PRO A 96 11.43 -24.51 -1.03
C PRO A 96 11.11 -24.34 0.47
N PRO A 97 12.01 -24.78 1.40
CA PRO A 97 11.71 -24.61 2.84
C PRO A 97 11.79 -23.16 3.30
N ILE A 98 10.90 -22.76 4.23
CA ILE A 98 10.82 -21.44 4.84
C ILE A 98 11.64 -21.56 6.13
N ASN A 99 12.96 -21.42 5.98
CA ASN A 99 13.91 -21.65 7.05
C ASN A 99 14.75 -20.42 7.46
N SER A 100 14.23 -19.20 7.23
CA SER A 100 14.92 -17.96 7.61
C SER A 100 13.91 -16.83 7.94
N PRO A 101 14.25 -15.88 8.87
CA PRO A 101 13.33 -14.77 9.17
C PRO A 101 13.00 -13.91 7.95
N GLU A 102 13.91 -13.88 6.94
CA GLU A 102 13.73 -13.15 5.69
C GLU A 102 12.70 -13.86 4.78
N LEU A 103 12.74 -15.22 4.72
CA LEU A 103 11.79 -16.03 3.94
C LEU A 103 10.40 -15.99 4.56
N LEU A 104 10.35 -16.02 5.91
CA LEU A 104 9.12 -15.99 6.67
C LEU A 104 8.37 -14.69 6.49
N GLN A 105 9.05 -13.52 6.67
CA GLN A 105 8.39 -12.23 6.53
C GLN A 105 7.93 -12.02 5.08
N ALA A 106 8.68 -12.53 4.08
CA ALA A 106 8.30 -12.47 2.68
C ALA A 106 7.03 -13.28 2.44
N LYS A 107 6.88 -14.46 3.10
CA LYS A 107 5.67 -15.27 2.96
C LYS A 107 4.47 -14.58 3.62
N LYS A 108 4.72 -13.89 4.73
CA LYS A 108 3.69 -13.13 5.46
C LYS A 108 3.20 -11.99 4.58
N ASP A 109 4.13 -11.28 3.92
CA ASP A 109 3.90 -10.15 3.01
C ASP A 109 3.10 -10.60 1.79
N MET A 110 3.38 -11.81 1.29
CA MET A 110 2.64 -12.41 0.19
C MET A 110 1.16 -12.61 0.63
N LEU A 111 0.94 -13.17 1.86
CA LEU A 111 -0.41 -13.41 2.35
C LEU A 111 -1.17 -12.12 2.67
N LEU A 112 -0.46 -11.02 2.98
CA LEU A 112 -1.09 -9.73 3.27
C LEU A 112 -1.68 -9.15 1.98
N VAL A 113 -0.96 -9.37 0.87
CA VAL A 113 -1.39 -8.96 -0.46
C VAL A 113 -2.59 -9.84 -0.86
N LEU A 114 -2.48 -11.16 -0.64
CA LEU A 114 -3.54 -12.13 -0.96
C LEU A 114 -4.82 -11.83 -0.17
N ALA A 115 -4.67 -11.36 1.11
CA ALA A 115 -5.80 -10.96 1.95
C ALA A 115 -6.49 -9.72 1.36
N ASP A 116 -5.72 -8.81 0.74
CA ASP A 116 -6.28 -7.60 0.12
C ASP A 116 -6.91 -7.93 -1.23
N ILE A 117 -6.49 -9.06 -1.86
CA ILE A 117 -7.08 -9.56 -3.12
C ILE A 117 -8.47 -10.16 -2.77
N GLU A 118 -8.52 -10.99 -1.72
CA GLU A 118 -9.73 -11.62 -1.20
C GLU A 118 -10.71 -10.53 -0.71
N LEU A 119 -10.21 -9.47 -0.10
CA LEU A 119 -11.06 -8.36 0.34
C LEU A 119 -11.74 -7.69 -0.85
N ALA A 120 -11.00 -7.46 -1.97
CA ALA A 120 -11.57 -6.86 -3.20
C ALA A 120 -12.60 -7.79 -3.81
N GLN A 121 -12.39 -9.12 -3.70
CA GLN A 121 -13.34 -10.10 -4.22
C GLN A 121 -14.60 -10.11 -3.35
N ALA A 122 -14.44 -10.13 -2.02
CA ALA A 122 -15.55 -10.11 -1.06
C ALA A 122 -16.38 -8.82 -1.23
N LEU A 123 -15.69 -7.69 -1.47
CA LEU A 123 -16.32 -6.37 -1.66
C LEU A 123 -17.26 -6.37 -2.89
N GLN A 124 -16.93 -7.15 -3.91
CA GLN A 124 -17.71 -7.18 -5.15
C GLN A 124 -18.91 -8.11 -5.14
N ALA A 125 -19.12 -8.90 -4.05
CA ALA A 125 -20.26 -9.82 -3.93
C ALA A 125 -21.60 -9.08 -4.11
N VAL A 126 -22.53 -9.72 -4.81
CA VAL A 126 -23.85 -9.18 -5.09
C VAL A 126 -24.73 -9.34 -3.83
N SER A 127 -25.17 -8.21 -3.27
CA SER A 127 -26.04 -8.18 -2.10
C SER A 127 -27.46 -8.59 -2.48
N GLU A 128 -28.31 -8.92 -1.48
CA GLU A 128 -29.71 -9.29 -1.72
C GLU A 128 -30.51 -8.11 -2.28
N GLN A 129 -30.19 -6.87 -1.82
CA GLN A 129 -30.83 -5.63 -2.27
C GLN A 129 -30.66 -5.45 -3.79
N GLU A 130 -29.46 -5.74 -4.29
CA GLU A 130 -29.09 -5.66 -5.71
C GLU A 130 -29.88 -6.67 -6.53
N LYS A 131 -30.06 -7.89 -6.01
CA LYS A 131 -30.85 -8.94 -6.67
C LYS A 131 -32.35 -8.51 -6.77
N THR A 132 -32.88 -7.78 -5.76
CA THR A 132 -34.28 -7.36 -5.82
C THR A 132 -34.50 -6.11 -6.70
N VAL A 133 -33.53 -5.17 -6.70
CA VAL A 133 -33.58 -3.88 -7.44
C VAL A 133 -33.62 -4.17 -8.96
N GLU A 134 -34.54 -3.53 -9.68
CA GLU A 134 -34.82 -3.81 -11.08
C GLU A 134 -33.92 -3.09 -12.10
N GLU A 135 -32.96 -2.31 -11.65
CA GLU A 135 -31.96 -1.65 -12.49
C GLU A 135 -30.61 -1.85 -11.84
N VAL A 136 -29.54 -1.71 -12.62
CA VAL A 136 -28.20 -1.84 -12.10
C VAL A 136 -27.35 -0.66 -12.57
N PRO A 137 -26.41 -0.20 -11.73
CA PRO A 137 -25.46 0.82 -12.21
C PRO A 137 -24.51 0.19 -13.23
N HIS A 138 -23.87 1.00 -14.07
CA HIS A 138 -22.80 0.53 -14.94
C HIS A 138 -21.77 -0.19 -14.01
N PRO A 139 -21.21 -1.35 -14.40
CA PRO A 139 -20.24 -2.05 -13.53
C PRO A 139 -19.12 -1.19 -12.96
N LEU A 140 -18.69 -0.11 -13.65
CA LEU A 140 -17.60 0.74 -13.12
C LEU A 140 -18.10 1.65 -12.03
N ASP A 141 -19.33 2.17 -12.18
CA ASP A 141 -19.98 3.01 -11.16
C ASP A 141 -20.26 2.19 -9.90
N ARG A 142 -20.70 0.92 -10.09
CA ARG A 142 -20.94 0.02 -8.97
C ARG A 142 -19.65 -0.19 -8.16
N ASP A 143 -18.52 -0.53 -8.86
CA ASP A 143 -17.22 -0.74 -8.21
C ASP A 143 -16.74 0.53 -7.49
N TYR A 144 -16.81 1.70 -8.18
CA TYR A 144 -16.48 2.98 -7.58
C TYR A 144 -17.29 3.18 -6.26
N GLN A 145 -18.64 3.02 -6.32
CA GLN A 145 -19.56 3.18 -5.17
C GLN A 145 -19.24 2.25 -4.00
N LEU A 146 -18.74 1.03 -4.29
CA LEU A 146 -18.36 0.04 -3.28
C LEU A 146 -17.12 0.47 -2.45
N LEU A 147 -16.21 1.27 -3.03
CA LEU A 147 -15.03 1.76 -2.31
C LEU A 147 -15.41 2.67 -1.17
N LYS A 148 -16.59 3.35 -1.28
CA LYS A 148 -17.09 4.32 -0.28
C LYS A 148 -15.96 5.32 0.00
N CYS A 149 -15.42 5.85 -1.10
CA CYS A 149 -14.28 6.74 -1.15
C CYS A 149 -14.43 7.66 -2.34
N GLN A 150 -14.40 8.96 -2.06
CA GLN A 150 -14.49 9.97 -3.09
C GLN A 150 -13.13 10.14 -3.78
N LEU A 151 -13.16 10.13 -5.10
CA LEU A 151 -12.01 10.35 -5.95
C LEU A 151 -12.30 11.52 -6.83
N GLN A 152 -11.43 12.53 -6.81
CA GLN A 152 -11.67 13.68 -7.66
C GLN A 152 -10.45 13.98 -8.50
N LEU A 153 -10.58 13.79 -9.83
CA LEU A 153 -9.51 14.04 -10.81
C LEU A 153 -9.11 15.51 -10.81
N LEU A 154 -7.81 15.77 -10.71
CA LEU A 154 -7.27 17.13 -10.71
C LEU A 154 -6.83 17.53 -12.11
N ASP A 155 -7.00 18.80 -12.44
CA ASP A 155 -6.48 19.29 -13.71
C ASP A 155 -5.17 20.02 -13.37
N SER A 156 -4.36 20.31 -14.39
CA SER A 156 -3.06 20.99 -14.27
C SER A 156 -3.15 22.31 -13.47
N GLY A 157 -4.34 22.88 -13.41
CA GLY A 157 -4.66 24.12 -12.71
C GLY A 157 -5.02 24.03 -11.23
N ALA A 158 -5.22 22.82 -10.65
CA ALA A 158 -5.51 22.68 -9.21
C ALA A 158 -4.31 23.21 -8.38
N PRO A 159 -4.52 23.88 -7.21
CA PRO A 159 -3.37 24.49 -6.48
C PRO A 159 -2.25 23.54 -6.05
N GLU A 160 -2.58 22.28 -5.78
CA GLU A 160 -1.63 21.29 -5.33
C GLU A 160 -0.99 20.52 -6.47
N TYR A 161 -1.48 20.66 -7.74
CA TYR A 161 -0.99 19.91 -8.89
C TYR A 161 0.52 20.08 -9.14
N LYS A 162 1.02 21.34 -9.23
CA LYS A 162 2.41 21.66 -9.51
C LYS A 162 3.30 21.30 -8.32
N VAL A 163 2.75 21.38 -7.10
CA VAL A 163 3.45 21.03 -5.88
C VAL A 163 3.73 19.50 -5.88
N ILE A 164 2.69 18.68 -6.12
CA ILE A 164 2.78 17.21 -6.20
C ILE A 164 3.78 16.80 -7.33
N GLN A 165 3.61 17.39 -8.52
CA GLN A 165 4.43 17.12 -9.70
C GLN A 165 5.90 17.38 -9.42
N THR A 166 6.24 18.51 -8.74
CA THR A 166 7.61 18.85 -8.34
C THR A 166 8.13 17.83 -7.31
N TYR A 167 7.28 17.45 -6.36
CA TYR A 167 7.61 16.44 -5.35
C TYR A 167 8.01 15.13 -6.05
N LEU A 168 7.20 14.71 -7.04
CA LEU A 168 7.42 13.48 -7.79
C LEU A 168 8.72 13.52 -8.59
N GLU A 169 8.94 14.57 -9.39
CA GLU A 169 10.08 14.72 -10.27
C GLU A 169 11.40 14.94 -9.54
N GLN A 170 11.42 15.75 -8.48
CA GLN A 170 12.66 16.04 -7.76
C GLN A 170 13.14 14.87 -6.88
N THR A 171 12.22 14.00 -6.35
CA THR A 171 12.57 12.90 -5.44
C THR A 171 12.44 11.49 -6.09
N GLY A 172 12.00 11.44 -7.34
CA GLY A 172 11.88 10.19 -8.10
C GLY A 172 13.19 9.88 -8.81
N SER A 173 13.31 8.70 -9.47
CA SER A 173 14.53 8.29 -10.20
C SER A 173 14.99 9.37 -11.20
N ASN A 174 16.28 9.77 -11.11
CA ASN A 174 16.84 10.82 -11.96
C ASN A 174 16.88 10.39 -13.43
N HIS A 175 17.17 9.09 -13.71
CA HIS A 175 17.18 8.57 -15.08
C HIS A 175 15.84 7.88 -15.42
N ARG A 176 15.38 6.95 -14.55
CA ARG A 176 14.13 6.20 -14.74
C ARG A 176 12.91 7.01 -14.24
N CYS A 177 12.76 8.24 -14.77
CA CYS A 177 11.75 9.25 -14.43
C CYS A 177 10.30 8.68 -14.50
N PRO A 178 9.56 8.61 -13.36
CA PRO A 178 8.16 8.15 -13.43
C PRO A 178 7.29 9.21 -14.12
N THR A 179 6.52 8.82 -15.15
CA THR A 179 5.71 9.78 -15.92
C THR A 179 4.30 9.92 -15.31
N LEU A 180 3.97 11.14 -14.86
CA LEU A 180 2.69 11.46 -14.23
C LEU A 180 1.58 11.53 -15.28
N GLN A 181 0.50 10.77 -15.06
CA GLN A 181 -0.61 10.77 -16.01
C GLN A 181 -1.79 11.49 -15.44
N HIS A 182 -2.17 11.11 -14.20
CA HIS A 182 -3.32 11.63 -13.48
C HIS A 182 -3.08 11.68 -11.98
N ILE A 183 -3.78 12.60 -11.33
CA ILE A 183 -3.83 12.76 -9.89
C ILE A 183 -5.29 12.85 -9.48
N TRP A 184 -5.66 12.04 -8.49
CA TRP A 184 -6.97 12.10 -7.88
C TRP A 184 -6.82 12.58 -6.44
N LYS A 185 -7.72 13.46 -5.98
CA LYS A 185 -7.76 13.80 -4.58
C LYS A 185 -8.56 12.67 -3.94
N VAL A 186 -8.12 12.16 -2.79
CA VAL A 186 -8.77 11.01 -2.16
C VAL A 186 -9.45 11.47 -0.89
N ASN A 187 -10.77 11.24 -0.81
CA ASN A 187 -11.51 11.58 0.38
C ASN A 187 -12.24 10.33 0.85
N GLN A 188 -11.51 9.52 1.63
CA GLN A 188 -12.00 8.28 2.21
C GLN A 188 -12.95 8.65 3.35
N GLU A 189 -14.25 8.45 3.17
CA GLU A 189 -15.21 8.80 4.22
C GLU A 189 -15.19 7.74 5.31
N GLY A 190 -15.03 8.20 6.55
CA GLY A 190 -14.91 7.34 7.72
C GLY A 190 -13.47 7.28 8.21
N GLU A 191 -12.61 8.15 7.63
CA GLU A 191 -11.19 8.32 7.94
C GLU A 191 -10.92 9.75 8.44
N GLU A 192 -11.87 10.69 8.17
CA GLU A 192 -11.77 12.11 8.53
C GLU A 192 -11.74 12.36 10.04
N ASP A 193 -12.74 11.81 10.79
CA ASP A 193 -12.94 11.99 12.22
C ASP A 193 -11.75 11.53 13.08
N ARG A 194 -11.20 10.31 12.83
CA ARG A 194 -10.06 9.75 13.60
C ARG A 194 -8.77 10.59 13.42
N PHE A 195 -8.54 11.13 12.21
CA PHE A 195 -7.38 11.95 11.86
C PHE A 195 -7.49 13.36 12.41
N GLN A 196 -8.73 13.92 12.40
CA GLN A 196 -9.04 15.25 12.91
C GLN A 196 -8.80 15.37 14.42
N ALA A 197 -8.94 14.26 15.19
CA ALA A 197 -8.71 14.25 16.64
C ALA A 197 -7.27 14.68 16.98
N HIS A 198 -6.31 14.36 16.09
CA HIS A 198 -4.90 14.72 16.20
C HIS A 198 -4.63 16.17 15.72
N SER A 199 -5.67 17.06 15.67
CA SER A 199 -5.54 18.45 15.20
C SER A 199 -4.43 19.24 15.96
N LYS A 200 -4.32 19.04 17.28
CA LYS A 200 -3.32 19.69 18.13
C LYS A 200 -1.91 19.13 17.85
N LEU A 201 -1.85 17.88 17.32
CA LEU A 201 -0.62 17.20 16.94
C LEU A 201 -0.18 17.73 15.58
N GLY A 202 0.91 18.47 15.56
CA GLY A 202 1.44 19.07 14.35
C GLY A 202 2.44 18.17 13.64
N ASN A 203 3.46 18.81 13.04
CA ASN A 203 4.55 18.19 12.28
C ASN A 203 3.98 17.29 11.15
N ARG A 204 2.96 17.82 10.45
CA ARG A 204 2.26 17.16 9.35
C ARG A 204 3.07 17.18 8.11
N LYS A 205 3.18 16.00 7.47
CA LYS A 205 3.95 15.88 6.24
C LYS A 205 3.24 15.02 5.23
N LEU A 206 3.29 15.45 3.96
CA LEU A 206 2.80 14.69 2.81
C LEU A 206 3.95 13.74 2.37
N LEU A 207 3.71 12.41 2.49
CA LEU A 207 4.71 11.38 2.23
C LEU A 207 4.20 10.31 1.28
N TRP A 208 5.10 9.71 0.52
CA TRP A 208 4.80 8.65 -0.43
C TRP A 208 4.51 7.30 0.25
N HIS A 209 3.60 6.52 -0.36
CA HIS A 209 3.29 5.16 0.04
C HIS A 209 3.01 4.38 -1.24
N GLY A 210 4.00 3.61 -1.66
CA GLY A 210 3.90 2.81 -2.88
C GLY A 210 3.47 1.39 -2.58
N THR A 211 2.61 0.81 -3.43
CA THR A 211 2.11 -0.56 -3.29
C THR A 211 1.93 -1.19 -4.64
N ASN A 212 1.65 -2.49 -4.68
CA ASN A 212 1.30 -3.07 -5.97
C ASN A 212 -0.20 -2.76 -6.23
N MET A 213 -0.60 -2.87 -7.50
CA MET A 213 -1.95 -2.57 -7.95
C MET A 213 -3.02 -3.41 -7.26
N ALA A 214 -2.72 -4.67 -6.89
CA ALA A 214 -3.70 -5.59 -6.30
C ALA A 214 -4.16 -5.20 -4.88
N VAL A 215 -3.57 -4.16 -4.24
CA VAL A 215 -3.98 -3.75 -2.89
C VAL A 215 -4.63 -2.33 -2.90
N VAL A 216 -4.62 -1.63 -4.05
CA VAL A 216 -5.16 -0.26 -4.21
C VAL A 216 -6.69 -0.19 -3.86
N ALA A 217 -7.53 -1.16 -4.32
CA ALA A 217 -8.98 -1.14 -3.97
C ALA A 217 -9.18 -1.27 -2.46
N ALA A 218 -8.43 -2.21 -1.81
CA ALA A 218 -8.48 -2.45 -0.37
C ALA A 218 -8.05 -1.22 0.42
N ILE A 219 -7.05 -0.49 -0.06
CA ILE A 219 -6.59 0.72 0.60
C ILE A 219 -7.64 1.84 0.42
N LEU A 220 -8.27 1.96 -0.77
CA LEU A 220 -9.30 2.99 -0.99
C LEU A 220 -10.54 2.68 -0.17
N THR A 221 -10.78 1.39 0.11
CA THR A 221 -11.91 0.96 0.93
C THR A 221 -11.62 1.11 2.44
N SER A 222 -10.43 0.69 2.91
CA SER A 222 -10.15 0.61 4.33
C SER A 222 -9.10 1.59 4.89
N GLY A 223 -8.36 2.30 4.03
CA GLY A 223 -7.27 3.19 4.43
C GLY A 223 -6.02 2.36 4.65
N LEU A 224 -4.90 3.02 5.01
CA LEU A 224 -3.67 2.31 5.33
C LEU A 224 -3.83 1.70 6.71
N ARG A 225 -3.46 0.43 6.84
CA ARG A 225 -3.69 -0.28 8.10
C ARG A 225 -2.43 -0.89 8.65
N ILE A 226 -2.43 -1.17 9.96
CA ILE A 226 -1.37 -1.92 10.64
C ILE A 226 -1.97 -3.30 10.83
N MET A 227 -1.67 -4.15 9.87
CA MET A 227 -2.22 -5.50 9.80
C MET A 227 -1.52 -6.49 10.73
N PRO A 228 -2.21 -7.48 11.33
CA PRO A 228 -1.47 -8.48 12.11
C PRO A 228 -0.50 -9.20 11.16
N HIS A 229 0.64 -9.66 11.66
CA HIS A 229 1.67 -10.36 10.88
C HIS A 229 2.50 -9.38 10.00
N SER A 230 2.16 -8.07 9.98
CA SER A 230 2.97 -7.10 9.21
C SER A 230 4.26 -6.76 9.99
N GLY A 231 5.26 -6.26 9.28
CA GLY A 231 6.54 -5.91 9.88
C GLY A 231 7.49 -5.36 8.84
N GLY A 232 8.75 -5.33 9.20
CA GLY A 232 9.80 -4.82 8.34
C GLY A 232 10.94 -4.30 9.18
N ARG A 233 11.79 -3.47 8.55
CA ARG A 233 13.00 -2.89 9.08
C ARG A 233 12.77 -1.99 10.28
N VAL A 234 11.58 -1.38 10.40
CA VAL A 234 11.27 -0.45 11.50
C VAL A 234 10.00 -0.93 12.26
N GLY A 235 9.79 -2.24 12.27
CA GLY A 235 8.69 -2.87 12.99
C GLY A 235 7.30 -2.87 12.40
N LYS A 236 6.30 -2.97 13.29
CA LYS A 236 4.89 -3.10 12.96
C LYS A 236 4.14 -1.74 12.97
N GLY A 237 4.32 -0.96 11.91
CA GLY A 237 3.65 0.31 11.70
C GLY A 237 3.33 0.53 10.24
N ILE A 238 2.98 1.77 9.85
CA ILE A 238 2.71 2.14 8.46
C ILE A 238 3.97 2.83 7.90
N TYR A 239 4.48 2.30 6.79
CA TYR A 239 5.73 2.74 6.16
C TYR A 239 5.52 3.79 5.07
N PHE A 240 6.25 4.88 5.19
CA PHE A 240 6.22 5.99 4.25
C PHE A 240 7.62 6.41 3.87
N ALA A 241 7.74 7.11 2.74
CA ALA A 241 9.03 7.65 2.29
C ALA A 241 8.85 9.10 1.82
N SER A 242 9.88 9.94 1.99
CA SER A 242 9.87 11.32 1.50
C SER A 242 10.47 11.32 0.08
N GLU A 243 11.13 10.21 -0.30
CA GLU A 243 11.73 10.07 -1.64
C GLU A 243 10.87 9.14 -2.47
N ASN A 244 10.27 9.67 -3.54
CA ASN A 244 9.42 8.91 -4.45
C ASN A 244 10.09 7.61 -4.90
N SER A 245 11.41 7.64 -5.23
CA SER A 245 12.20 6.49 -5.69
C SER A 245 12.15 5.30 -4.71
N LYS A 246 12.08 5.58 -3.39
CA LYS A 246 12.01 4.55 -2.35
C LYS A 246 10.62 3.88 -2.42
N SER A 247 9.54 4.67 -2.49
CA SER A 247 8.18 4.11 -2.59
C SER A 247 7.87 3.45 -3.94
N ALA A 248 8.53 3.90 -5.02
CA ALA A 248 8.32 3.38 -6.39
C ALA A 248 8.83 1.93 -6.53
N GLY A 249 9.83 1.57 -5.72
CA GLY A 249 10.38 0.22 -5.69
C GLY A 249 9.36 -0.85 -5.37
N TYR A 250 8.24 -0.45 -4.70
CA TYR A 250 7.13 -1.31 -4.26
C TYR A 250 5.98 -1.35 -5.26
N VAL A 251 6.11 -0.56 -6.36
CA VAL A 251 5.14 -0.49 -7.44
C VAL A 251 5.64 -1.41 -8.55
N ILE A 252 4.99 -2.59 -8.77
CA ILE A 252 5.40 -3.57 -9.80
C ILE A 252 5.30 -2.94 -11.21
N GLY A 253 4.17 -2.28 -11.48
CA GLY A 253 3.89 -1.69 -12.78
C GLY A 253 3.43 -2.77 -13.74
N MET A 254 2.11 -2.87 -13.99
CA MET A 254 1.52 -3.86 -14.91
C MET A 254 1.69 -3.41 -16.38
N LYS A 255 2.01 -4.37 -17.28
CA LYS A 255 2.18 -4.10 -18.71
C LYS A 255 0.83 -3.97 -19.39
N CYS A 256 0.68 -2.91 -20.17
CA CYS A 256 -0.54 -2.56 -20.87
C CYS A 256 -0.14 -1.79 -22.12
N GLY A 257 -0.35 -2.42 -23.27
CA GLY A 257 0.02 -1.85 -24.57
C GLY A 257 1.53 -1.84 -24.74
N ALA A 258 2.10 -0.66 -24.98
CA ALA A 258 3.55 -0.53 -25.12
C ALA A 258 4.18 0.14 -23.89
N HIS A 259 3.40 0.30 -22.80
CA HIS A 259 3.82 0.97 -21.59
C HIS A 259 3.47 0.19 -20.29
N HIS A 260 3.91 0.74 -19.14
CA HIS A 260 3.69 0.25 -17.79
C HIS A 260 2.70 1.16 -17.08
N VAL A 261 1.85 0.60 -16.23
CA VAL A 261 0.87 1.37 -15.46
C VAL A 261 1.05 1.04 -13.99
N GLY A 262 1.13 2.07 -13.15
CA GLY A 262 1.22 1.91 -11.70
C GLY A 262 0.56 3.04 -10.93
N TYR A 263 0.22 2.77 -9.67
CA TYR A 263 -0.43 3.74 -8.80
C TYR A 263 0.37 3.99 -7.54
N MET A 264 0.42 5.25 -7.11
CA MET A 264 1.17 5.70 -5.92
C MET A 264 0.28 6.52 -5.01
N PHE A 265 0.40 6.29 -3.70
CA PHE A 265 -0.37 7.08 -2.78
C PHE A 265 0.46 8.20 -2.19
N LEU A 266 -0.20 9.32 -1.88
CA LEU A 266 0.33 10.41 -1.07
C LEU A 266 -0.55 10.46 0.16
N GLY A 267 0.04 10.30 1.34
CA GLY A 267 -0.73 10.35 2.58
C GLY A 267 -0.31 11.54 3.41
N GLU A 268 -1.26 12.15 4.15
CA GLU A 268 -0.95 13.21 5.10
C GLU A 268 -0.67 12.51 6.44
N VAL A 269 0.56 12.68 6.94
CA VAL A 269 1.02 11.98 8.14
C VAL A 269 1.37 12.97 9.26
N ALA A 270 0.64 12.86 10.40
CA ALA A 270 0.87 13.69 11.59
C ALA A 270 1.94 12.98 12.38
N LEU A 271 3.18 13.43 12.22
CA LEU A 271 4.35 12.83 12.80
C LEU A 271 4.59 13.26 14.25
N GLY A 272 4.08 14.44 14.61
CA GLY A 272 4.23 15.04 15.94
C GLY A 272 5.68 15.05 16.40
N ARG A 273 5.93 14.59 17.65
CA ARG A 273 7.29 14.48 18.18
C ARG A 273 7.99 13.25 17.54
N GLU A 274 9.02 13.51 16.74
CA GLU A 274 9.74 12.46 16.02
C GLU A 274 10.93 11.89 16.78
N HIS A 275 11.05 10.55 16.75
CA HIS A 275 12.18 9.84 17.31
C HIS A 275 13.04 9.31 16.15
N HIS A 276 14.28 9.79 16.01
CA HIS A 276 15.14 9.39 14.90
C HIS A 276 16.01 8.22 15.25
N ILE A 277 16.11 7.27 14.33
CA ILE A 277 16.98 6.09 14.49
C ILE A 277 17.89 6.02 13.28
N ASN A 278 19.03 5.35 13.41
CA ASN A 278 19.95 5.19 12.29
C ASN A 278 20.33 3.71 12.13
N THR A 279 19.58 2.78 12.78
CA THR A 279 19.80 1.33 12.70
C THR A 279 18.47 0.61 12.71
N ASP A 280 18.35 -0.48 11.95
CA ASP A 280 17.13 -1.31 11.86
C ASP A 280 16.62 -1.77 13.21
N ASN A 281 15.30 -1.85 13.36
CA ASN A 281 14.69 -2.37 14.58
C ASN A 281 13.36 -3.05 14.21
N PRO A 282 13.43 -4.35 13.76
CA PRO A 282 12.19 -5.06 13.39
C PRO A 282 11.21 -5.33 14.52
N SER A 283 11.65 -5.14 15.78
CA SER A 283 10.85 -5.41 16.97
C SER A 283 9.95 -4.22 17.41
N LEU A 284 10.08 -3.02 16.79
CA LEU A 284 9.28 -1.84 17.19
C LEU A 284 7.76 -2.05 16.98
N LYS A 285 6.95 -1.73 17.98
CA LYS A 285 5.50 -1.87 17.89
C LYS A 285 4.83 -0.53 18.17
N SER A 286 5.64 0.45 18.57
CA SER A 286 5.22 1.83 18.82
C SER A 286 6.45 2.72 18.93
N PRO A 287 6.34 4.07 18.93
CA PRO A 287 7.54 4.88 19.17
C PRO A 287 7.89 4.85 20.68
N PRO A 288 9.08 5.33 21.11
CA PRO A 288 9.36 5.37 22.55
C PRO A 288 8.40 6.34 23.28
N PRO A 289 8.21 6.23 24.62
CA PRO A 289 7.22 7.11 25.29
C PRO A 289 7.51 8.59 25.08
N GLY A 290 6.45 9.34 24.80
CA GLY A 290 6.53 10.77 24.54
C GLY A 290 6.77 11.12 23.08
N PHE A 291 6.87 10.12 22.20
CA PHE A 291 7.09 10.26 20.75
C PHE A 291 5.89 9.72 19.97
N ASP A 292 5.57 10.37 18.84
CA ASP A 292 4.43 10.07 17.98
C ASP A 292 4.81 9.39 16.67
N SER A 293 6.13 9.33 16.37
CA SER A 293 6.61 8.68 15.14
C SER A 293 8.07 8.25 15.29
N VAL A 294 8.51 7.29 14.44
CA VAL A 294 9.87 6.79 14.36
C VAL A 294 10.36 7.04 12.93
N ILE A 295 11.45 7.80 12.77
CA ILE A 295 11.96 8.09 11.45
C ILE A 295 13.34 7.49 11.28
N ALA A 296 13.42 6.44 10.46
CA ALA A 296 14.69 5.78 10.14
C ALA A 296 15.39 6.69 9.14
N ARG A 297 16.33 7.50 9.61
CA ARG A 297 16.92 8.55 8.78
C ARG A 297 17.92 8.00 7.79
N GLY A 298 17.78 8.42 6.54
CA GLY A 298 18.66 7.97 5.46
C GLY A 298 19.90 8.83 5.28
N HIS A 299 20.84 8.37 4.43
CA HIS A 299 22.06 9.14 4.09
C HIS A 299 21.67 10.44 3.33
N THR A 300 20.49 10.42 2.69
CA THR A 300 19.98 11.54 1.93
C THR A 300 18.58 11.90 2.37
N GLU A 301 18.19 13.11 2.01
CA GLU A 301 16.89 13.65 2.29
C GLU A 301 16.60 14.75 1.30
N PRO A 302 15.36 14.81 0.74
CA PRO A 302 15.00 15.94 -0.12
C PRO A 302 15.33 17.27 0.58
N ASP A 303 16.16 18.13 -0.06
CA ASP A 303 16.65 19.40 0.50
C ASP A 303 15.62 20.07 1.42
N PRO A 304 15.78 20.00 2.77
CA PRO A 304 14.75 20.58 3.67
C PRO A 304 14.56 22.08 3.50
N THR A 305 15.59 22.79 3.02
CA THR A 305 15.56 24.23 2.74
C THR A 305 14.55 24.50 1.57
N GLN A 306 14.18 23.47 0.79
CA GLN A 306 13.27 23.63 -0.35
C GLN A 306 11.83 23.21 -0.03
N ASP A 307 11.54 22.83 1.24
CA ASP A 307 10.19 22.41 1.63
C ASP A 307 9.18 23.52 1.41
N THR A 308 7.97 23.13 0.95
CA THR A 308 6.83 24.04 0.82
C THR A 308 5.75 23.52 1.78
N GLU A 309 4.60 24.18 1.80
CA GLU A 309 3.46 23.76 2.60
C GLU A 309 2.18 23.87 1.80
N LEU A 310 1.27 22.93 2.06
CA LEU A 310 -0.07 22.91 1.51
C LEU A 310 -1.05 23.09 2.64
N GLU A 311 -2.15 23.80 2.39
CA GLU A 311 -3.20 23.93 3.36
C GLU A 311 -4.26 22.87 3.06
N LEU A 312 -4.38 21.88 3.95
CA LEU A 312 -5.35 20.82 3.81
C LEU A 312 -6.24 20.84 5.03
N ASP A 313 -7.54 21.14 4.83
CA ASP A 313 -8.55 21.25 5.90
C ASP A 313 -8.08 22.21 7.03
N GLY A 314 -7.59 23.39 6.62
CA GLY A 314 -7.10 24.44 7.53
C GLY A 314 -5.90 24.09 8.38
N GLN A 315 -5.04 23.15 7.91
CA GLN A 315 -3.79 22.71 8.56
C GLN A 315 -2.63 22.81 7.57
N GLN A 316 -1.47 23.25 8.06
CA GLN A 316 -0.26 23.35 7.26
C GLN A 316 0.36 21.96 7.17
N VAL A 317 0.64 21.52 5.96
CA VAL A 317 1.20 20.18 5.67
C VAL A 317 2.47 20.39 4.91
N VAL A 318 3.59 19.91 5.43
CA VAL A 318 4.87 20.09 4.74
C VAL A 318 4.91 19.16 3.53
N VAL A 319 5.35 19.73 2.39
CA VAL A 319 5.52 19.02 1.14
C VAL A 319 6.94 19.26 0.66
N PRO A 320 7.80 18.21 0.68
CA PRO A 320 9.18 18.38 0.16
C PRO A 320 9.17 18.77 -1.32
N GLN A 321 10.11 19.62 -1.76
CA GLN A 321 10.17 20.08 -3.15
C GLN A 321 11.58 20.02 -3.73
N GLY A 322 12.55 19.63 -2.92
CA GLY A 322 13.94 19.56 -3.35
C GLY A 322 14.43 18.17 -3.67
N GLN A 323 15.51 18.11 -4.45
CA GLN A 323 16.20 16.86 -4.78
C GLN A 323 16.90 16.31 -3.51
N PRO A 324 17.25 15.01 -3.43
CA PRO A 324 17.92 14.52 -2.22
C PRO A 324 19.32 15.13 -2.07
N VAL A 325 19.67 15.51 -0.85
CA VAL A 325 20.99 16.07 -0.54
C VAL A 325 21.58 15.23 0.62
N PRO A 326 22.93 15.14 0.77
CA PRO A 326 23.49 14.33 1.87
C PRO A 326 23.16 14.88 3.26
N CYS A 327 23.12 13.97 4.23
CA CYS A 327 22.85 14.28 5.63
C CYS A 327 23.99 13.75 6.49
N PRO A 328 24.98 14.65 6.75
CA PRO A 328 26.19 14.25 7.50
C PRO A 328 25.93 13.53 8.82
N GLU A 329 24.86 13.90 9.55
CA GLU A 329 24.51 13.26 10.82
C GLU A 329 24.17 11.77 10.61
N PHE A 330 23.59 11.43 9.44
CA PHE A 330 23.19 10.06 9.19
C PHE A 330 24.01 9.41 8.08
N SER A 331 25.23 9.94 7.84
CA SER A 331 26.19 9.45 6.83
C SER A 331 26.52 7.96 7.03
N SER A 332 26.46 7.46 8.28
CA SER A 332 26.74 6.07 8.63
C SER A 332 25.45 5.27 9.02
N SER A 333 24.27 5.80 8.69
CA SER A 333 22.99 5.13 8.98
C SER A 333 22.89 3.79 8.20
N THR A 334 22.10 2.83 8.72
CA THR A 334 21.96 1.57 7.98
C THR A 334 20.91 1.75 6.86
N PHE A 335 20.28 2.93 6.81
CA PHE A 335 19.25 3.31 5.84
C PHE A 335 19.81 4.28 4.81
N SER A 336 19.80 3.90 3.54
CA SER A 336 20.24 4.78 2.44
C SER A 336 19.21 5.88 2.27
N GLN A 337 17.91 5.53 2.34
CA GLN A 337 16.81 6.51 2.24
C GLN A 337 15.95 6.43 3.48
N SER A 338 15.32 7.56 3.87
CA SER A 338 14.46 7.65 5.05
C SER A 338 13.17 6.83 4.95
N GLU A 339 12.77 6.25 6.08
CA GLU A 339 11.53 5.51 6.24
C GLU A 339 10.79 6.13 7.40
N TYR A 340 9.57 6.66 7.14
CA TYR A 340 8.72 7.33 8.14
C TYR A 340 7.67 6.35 8.62
N LEU A 341 7.61 6.18 9.95
CA LEU A 341 6.73 5.22 10.59
C LEU A 341 5.83 5.84 11.61
N ILE A 342 4.57 5.43 11.58
CA ILE A 342 3.53 5.76 12.55
C ILE A 342 2.94 4.40 12.99
N TYR A 343 2.44 4.33 14.22
CA TYR A 343 1.98 3.05 14.77
C TYR A 343 0.51 3.16 15.21
N GLN A 344 -0.18 4.18 14.71
CA GLN A 344 -1.61 4.40 14.90
C GLN A 344 -2.16 4.74 13.54
N GLU A 345 -3.17 4.00 13.09
CA GLU A 345 -3.80 4.23 11.77
C GLU A 345 -4.36 5.66 11.62
N SER A 346 -4.84 6.24 12.74
CA SER A 346 -5.43 7.58 12.78
C SER A 346 -4.44 8.71 12.51
N GLN A 347 -3.14 8.42 12.51
CA GLN A 347 -2.15 9.47 12.24
C GLN A 347 -1.92 9.65 10.75
N CYS A 348 -2.65 8.89 9.93
CA CYS A 348 -2.58 8.99 8.47
C CYS A 348 -3.96 9.21 7.91
N ARG A 349 -4.00 10.04 6.87
CA ARG A 349 -5.16 10.32 6.04
C ARG A 349 -4.69 10.20 4.57
N LEU A 350 -5.38 9.41 3.72
CA LEU A 350 -5.01 9.38 2.30
C LEU A 350 -5.40 10.71 1.67
N ARG A 351 -4.54 11.28 0.83
CA ARG A 351 -4.89 12.57 0.23
C ARG A 351 -4.87 12.52 -1.28
N TYR A 352 -3.90 11.85 -1.88
CA TYR A 352 -3.84 11.80 -3.34
C TYR A 352 -3.49 10.41 -3.86
N LEU A 353 -3.94 10.13 -5.08
CA LEU A 353 -3.61 8.92 -5.81
C LEU A 353 -3.06 9.34 -7.16
N LEU A 354 -1.91 8.77 -7.54
CA LEU A 354 -1.25 9.14 -8.80
C LEU A 354 -1.14 7.94 -9.69
N GLU A 355 -1.42 8.15 -10.99
CA GLU A 355 -1.19 7.14 -12.01
C GLU A 355 0.14 7.47 -12.66
N VAL A 356 1.04 6.49 -12.72
CA VAL A 356 2.37 6.74 -13.30
C VAL A 356 2.72 5.70 -14.40
N HIS A 357 3.28 6.20 -15.54
CA HIS A 357 3.74 5.35 -16.64
C HIS A 357 5.28 5.30 -16.65
#